data_9UKV
#
_entry.id   9UKV
#
_cell.length_a   1.00
_cell.length_b   1.00
_cell.length_c   1.00
_cell.angle_alpha   90.00
_cell.angle_beta   90.00
_cell.angle_gamma   90.00
#
_symmetry.space_group_name_H-M   'P 1'
#
loop_
_entity.id
_entity.type
_entity.pdbx_description
1 polymer 'Lipid II flippase MurJ'
2 polymer 'Lysis protein'
#
loop_
_entity_poly.entity_id
_entity_poly.type
_entity_poly.pdbx_seq_one_letter_code
_entity_poly.pdbx_strand_id
1 'polypeptide(L)'
;MANLLKSLAAVSSMTMFSRVLGFARDAIVARIFGAGMATDAFFVAFKLPNLLRRIFAEGAFSQAFVPILAEYKSKQGEDA
TRVFVSYVSGLLTLALAVVTVAGMLAAPWVIMVTAPGFADTADKFALTSQLLKITFPYILLISLASLVGAILNTWNRFSI
PAFAPTLLNISMIGFALFAAPYFNPPVLALAWAVTVGGVLQLVYQLPHLKKIGMLVLPRINFHDAGAMRVVKQMGPAILG
VSVSQISLIINTIFASFLASGSVSWMYYADRLMEFPSGVLGVALGTILLPSLSKSFASGNHDEYNRLMDWGLRLCFLLAL
PSAVALGILSGPLTVSLFQYGKFTAFDALMTQRALIAYSVGLIGLIVVKVLAPGFYSRQDIKTPVKIAIVTLILTQLMNL
AFIGPLKHAGLSLSIGLAACLNASLLYWQLRKQKIFTPQPGWMAFLLRLVVAVLVMSGVLLGMLHIMPEWSLGTMPWRLL
RLMAVVLAGIAAYFAALAVLGFKVKEFARRTVDYKDHDGDYKDHDIDYKDDDDK
;
A
2 'polypeptide(L)' MKYIINLAFCVLLLVAGDSIAYRVSQYLAPLVDTFTKHHHHHHHHHH B
#
# COMPACT_ATOMS: atom_id res chain seq x y z
N ALA A 2 -15.04 21.83 2.69
CA ALA A 2 -15.42 20.91 1.63
C ALA A 2 -14.20 20.47 0.82
N ASN A 3 -13.14 21.27 0.88
CA ASN A 3 -11.93 20.95 0.12
C ASN A 3 -11.23 19.70 0.64
N LEU A 4 -11.46 19.33 1.91
CA LEU A 4 -10.91 18.08 2.42
C LEU A 4 -11.56 16.88 1.73
N LEU A 5 -12.88 16.93 1.55
CA LEU A 5 -13.56 15.87 0.80
C LEU A 5 -13.14 15.88 -0.66
N LYS A 6 -12.98 17.07 -1.25
CA LYS A 6 -12.59 17.16 -2.65
C LYS A 6 -11.20 16.57 -2.86
N SER A 7 -10.27 16.87 -1.95
CA SER A 7 -8.92 16.30 -2.06
C SER A 7 -8.95 14.79 -1.90
N LEU A 8 -9.72 14.29 -0.94
CA LEU A 8 -9.82 12.85 -0.74
C LEU A 8 -10.43 12.17 -1.96
N ALA A 9 -11.47 12.77 -2.53
CA ALA A 9 -12.08 12.21 -3.72
C ALA A 9 -11.12 12.24 -4.91
N ALA A 10 -10.34 13.31 -5.03
CA ALA A 10 -9.39 13.43 -6.13
C ALA A 10 -8.31 12.35 -6.05
N VAL A 11 -7.78 12.12 -4.84
CA VAL A 11 -6.73 11.11 -4.69
C VAL A 11 -7.30 9.72 -4.89
N SER A 12 -8.48 9.44 -4.33
CA SER A 12 -9.09 8.13 -4.50
C SER A 12 -9.43 7.85 -5.96
N SER A 13 -9.97 8.86 -6.66
CA SER A 13 -10.28 8.69 -8.08
C SER A 13 -9.02 8.51 -8.90
N MET A 14 -7.97 9.28 -8.62
CA MET A 14 -6.72 9.14 -9.35
C MET A 14 -6.08 7.78 -9.10
N THR A 15 -6.13 7.31 -7.84
CA THR A 15 -5.66 5.96 -7.55
C THR A 15 -6.50 4.92 -8.27
N MET A 16 -7.82 5.12 -8.32
CA MET A 16 -8.69 4.26 -9.10
C MET A 16 -8.24 4.20 -10.55
N PHE A 17 -7.91 5.36 -11.13
CA PHE A 17 -7.39 5.37 -12.49
C PHE A 17 -6.06 4.64 -12.58
N SER A 18 -5.22 4.76 -11.55
CA SER A 18 -3.93 4.09 -11.56
C SER A 18 -4.08 2.57 -11.56
N ARG A 19 -5.03 2.05 -10.78
CA ARG A 19 -5.17 0.60 -10.68
C ARG A 19 -5.74 0.00 -11.96
N VAL A 20 -6.78 0.62 -12.53
CA VAL A 20 -7.35 0.11 -13.77
C VAL A 20 -6.36 0.24 -14.91
N LEU A 21 -5.53 1.29 -14.90
CA LEU A 21 -4.43 1.37 -15.85
C LEU A 21 -3.40 0.29 -15.57
N GLY A 22 -3.24 -0.08 -14.30
CA GLY A 22 -2.31 -1.14 -13.96
C GLY A 22 -2.75 -2.49 -14.49
N PHE A 23 -4.06 -2.79 -14.39
CA PHE A 23 -4.56 -4.05 -14.93
C PHE A 23 -4.44 -4.09 -16.44
N ALA A 24 -4.65 -2.96 -17.11
CA ALA A 24 -4.43 -2.90 -18.55
C ALA A 24 -2.95 -3.06 -18.89
N ARG A 25 -2.07 -2.70 -17.94
CA ARG A 25 -0.64 -2.76 -18.21
C ARG A 25 -0.17 -4.19 -18.40
N ASP A 26 -0.50 -5.09 -17.47
CA ASP A 26 -0.03 -6.46 -17.60
C ASP A 26 -0.84 -7.22 -18.64
N ALA A 27 -2.07 -6.77 -18.91
CA ALA A 27 -2.89 -7.44 -19.92
C ALA A 27 -2.27 -7.29 -21.30
N ILE A 28 -1.87 -6.07 -21.67
CA ILE A 28 -1.22 -5.88 -22.96
C ILE A 28 0.19 -6.45 -22.96
N VAL A 29 0.89 -6.40 -21.82
CA VAL A 29 2.24 -6.92 -21.75
C VAL A 29 2.24 -8.43 -22.00
N ALA A 30 1.30 -9.15 -21.36
CA ALA A 30 1.19 -10.58 -21.60
C ALA A 30 0.73 -10.87 -23.01
N ARG A 31 -0.03 -9.95 -23.61
CA ARG A 31 -0.52 -10.18 -24.97
C ARG A 31 0.60 -10.06 -26.00
N ILE A 32 1.48 -9.06 -25.85
CA ILE A 32 2.50 -8.80 -26.85
C ILE A 32 3.79 -9.56 -26.56
N PHE A 33 4.12 -9.77 -25.28
CA PHE A 33 5.35 -10.44 -24.89
C PHE A 33 5.11 -11.88 -24.44
N GLY A 34 3.88 -12.38 -24.53
CA GLY A 34 3.62 -13.73 -24.09
C GLY A 34 3.71 -13.86 -22.57
N ALA A 35 4.03 -15.06 -22.12
CA ALA A 35 4.20 -15.35 -20.70
C ALA A 35 5.45 -16.20 -20.48
N GLY A 36 6.52 -15.89 -21.21
CA GLY A 36 7.74 -16.66 -21.12
C GLY A 36 8.61 -16.22 -19.95
N MET A 37 9.86 -16.71 -19.97
CA MET A 37 10.80 -16.37 -18.91
C MET A 37 11.18 -14.90 -18.95
N ALA A 38 10.93 -14.23 -20.08
CA ALA A 38 11.27 -12.81 -20.20
C ALA A 38 10.26 -11.94 -19.46
N THR A 39 8.98 -12.32 -19.49
CA THR A 39 7.94 -11.47 -18.93
C THR A 39 8.07 -11.38 -17.41
N ASP A 40 8.21 -12.53 -16.74
CA ASP A 40 8.34 -12.50 -15.29
C ASP A 40 9.73 -12.03 -14.85
N ALA A 41 10.73 -12.10 -15.74
CA ALA A 41 12.03 -11.53 -15.42
C ALA A 41 11.94 -10.03 -15.24
N PHE A 42 11.18 -9.35 -16.12
CA PHE A 42 10.94 -7.93 -15.93
C PHE A 42 10.12 -7.66 -14.69
N PHE A 43 9.17 -8.55 -14.38
CA PHE A 43 8.35 -8.36 -13.18
C PHE A 43 9.21 -8.40 -11.92
N VAL A 44 10.15 -9.34 -11.86
CA VAL A 44 11.07 -9.39 -10.72
C VAL A 44 11.95 -8.15 -10.69
N ALA A 45 12.46 -7.75 -11.85
CA ALA A 45 13.37 -6.61 -11.90
C ALA A 45 12.65 -5.30 -11.60
N PHE A 46 11.32 -5.28 -11.72
CA PHE A 46 10.55 -4.07 -11.46
C PHE A 46 9.96 -4.05 -10.06
N LYS A 47 9.59 -5.21 -9.52
CA LYS A 47 9.04 -5.26 -8.17
C LYS A 47 10.10 -4.94 -7.12
N LEU A 48 11.37 -5.25 -7.41
CA LEU A 48 12.43 -5.00 -6.44
C LEU A 48 12.57 -3.51 -6.12
N PRO A 49 12.65 -2.59 -7.09
CA PRO A 49 12.61 -1.17 -6.72
C PRO A 49 11.33 -0.76 -6.04
N ASN A 50 10.22 -1.45 -6.31
CA ASN A 50 8.95 -1.10 -5.67
C ASN A 50 8.97 -1.42 -4.19
N LEU A 51 9.66 -2.49 -3.78
CA LEU A 51 9.79 -2.77 -2.36
C LEU A 51 10.75 -1.77 -1.69
N LEU A 52 11.81 -1.38 -2.40
CA LEU A 52 12.68 -0.33 -1.88
C LEU A 52 11.95 1.01 -1.78
N ARG A 53 10.84 1.16 -2.51
CA ARG A 53 10.02 2.35 -2.36
C ARG A 53 9.44 2.43 -0.95
N ARG A 54 9.20 1.28 -0.33
CA ARG A 54 8.64 1.26 1.03
C ARG A 54 9.60 1.89 2.04
N ILE A 55 10.87 2.01 1.69
CA ILE A 55 11.83 2.62 2.60
C ILE A 55 12.00 4.10 2.32
N PHE A 56 12.30 4.45 1.07
CA PHE A 56 12.77 5.79 0.74
C PHE A 56 11.68 6.70 0.21
N ALA A 57 10.52 6.17 -0.15
CA ALA A 57 9.51 7.00 -0.80
C ALA A 57 8.13 6.91 -0.16
N GLU A 58 7.75 5.72 0.30
CA GLU A 58 6.37 5.45 0.66
C GLU A 58 6.16 5.13 2.13
N GLY A 59 6.85 4.11 2.66
CA GLY A 59 6.49 3.58 3.95
C GLY A 59 7.44 3.85 5.09
N ALA A 60 8.55 4.51 4.83
CA ALA A 60 9.45 4.86 5.93
C ALA A 60 9.89 6.31 5.89
N PHE A 61 10.13 6.87 4.70
CA PHE A 61 10.61 8.25 4.63
C PHE A 61 9.51 9.25 4.88
N SER A 62 8.28 8.92 4.47
CA SER A 62 7.20 9.90 4.50
C SER A 62 6.85 10.31 5.93
N GLN A 63 6.60 9.34 6.81
CA GLN A 63 6.18 9.70 8.16
C GLN A 63 7.36 10.25 8.98
N ALA A 64 8.59 10.02 8.53
CA ALA A 64 9.75 10.58 9.20
C ALA A 64 10.13 11.96 8.68
N PHE A 65 9.48 12.45 7.63
CA PHE A 65 9.82 13.72 7.01
C PHE A 65 8.68 14.72 7.03
N VAL A 66 7.46 14.29 6.72
CA VAL A 66 6.33 15.23 6.66
C VAL A 66 6.09 15.92 7.98
N PRO A 67 6.07 15.23 9.14
CA PRO A 67 5.89 15.97 10.41
C PRO A 67 6.96 17.02 10.65
N ILE A 68 8.21 16.73 10.27
CA ILE A 68 9.27 17.72 10.42
C ILE A 68 9.06 18.87 9.46
N LEU A 69 8.57 18.59 8.25
CA LEU A 69 8.29 19.65 7.30
C LEU A 69 7.22 20.60 7.83
N ALA A 70 6.16 20.05 8.42
CA ALA A 70 5.08 20.90 8.92
C ALA A 70 5.56 21.80 10.05
N GLU A 71 6.38 21.27 10.96
CA GLU A 71 6.92 22.08 12.04
C GLU A 71 7.81 23.20 11.49
N TYR A 72 8.66 22.87 10.53
CA TYR A 72 9.56 23.86 9.95
C TYR A 72 8.78 24.96 9.24
N LYS A 73 7.74 24.59 8.50
CA LYS A 73 6.94 25.57 7.76
C LYS A 73 6.18 26.49 8.71
N SER A 74 5.58 25.93 9.76
CA SER A 74 4.71 26.72 10.62
C SER A 74 5.49 27.71 11.46
N LYS A 75 6.61 27.29 12.04
CA LYS A 75 7.33 28.08 13.03
C LYS A 75 8.47 28.90 12.42
N GLN A 76 9.43 28.23 11.78
CA GLN A 76 10.65 28.91 11.36
C GLN A 76 10.41 29.86 10.20
N GLY A 77 9.66 29.42 9.20
CA GLY A 77 9.39 30.21 8.03
C GLY A 77 9.75 29.49 6.75
N GLU A 78 9.49 30.17 5.63
CA GLU A 78 9.70 29.55 4.32
C GLU A 78 11.18 29.48 3.95
N ASP A 79 12.02 30.37 4.48
CA ASP A 79 13.43 30.34 4.16
C ASP A 79 14.13 29.19 4.86
N ALA A 80 13.81 28.97 6.14
CA ALA A 80 14.39 27.84 6.85
C ALA A 80 13.82 26.52 6.33
N THR A 81 12.59 26.54 5.84
CA THR A 81 12.04 25.35 5.19
C THR A 81 12.81 25.01 3.92
N ARG A 82 13.17 26.03 3.13
CA ARG A 82 13.89 25.80 1.89
C ARG A 82 15.27 25.19 2.14
N VAL A 83 15.99 25.71 3.13
CA VAL A 83 17.31 25.18 3.42
C VAL A 83 17.20 23.78 4.04
N PHE A 84 16.12 23.52 4.77
CA PHE A 84 15.91 22.20 5.34
C PHE A 84 15.60 21.18 4.25
N VAL A 85 14.68 21.52 3.34
CA VAL A 85 14.26 20.57 2.32
C VAL A 85 15.41 20.30 1.34
N SER A 86 16.24 21.31 1.08
CA SER A 86 17.39 21.10 0.21
C SER A 86 18.39 20.13 0.83
N TYR A 87 18.61 20.25 2.14
CA TYR A 87 19.57 19.38 2.81
C TYR A 87 19.07 17.94 2.87
N VAL A 88 17.80 17.75 3.23
CA VAL A 88 17.27 16.40 3.34
C VAL A 88 17.16 15.75 1.96
N SER A 89 16.83 16.54 0.94
CA SER A 89 16.78 16.00 -0.42
C SER A 89 18.16 15.56 -0.88
N GLY A 90 19.19 16.35 -0.56
CA GLY A 90 20.55 15.96 -0.90
C GLY A 90 20.98 14.69 -0.21
N LEU A 91 20.68 14.58 1.09
CA LEU A 91 21.01 13.36 1.82
C LEU A 91 20.25 12.16 1.27
N LEU A 92 18.98 12.36 0.92
CA LEU A 92 18.20 11.30 0.31
C LEU A 92 18.78 10.89 -1.04
N THR A 93 19.22 11.87 -1.83
CA THR A 93 19.84 11.56 -3.12
C THR A 93 21.12 10.77 -2.93
N LEU A 94 21.92 11.13 -1.92
CA LEU A 94 23.15 10.38 -1.65
C LEU A 94 22.85 8.95 -1.25
N ALA A 95 21.85 8.76 -0.39
CA ALA A 95 21.49 7.41 0.05
C ALA A 95 21.00 6.56 -1.11
N LEU A 96 20.16 7.13 -1.97
CA LEU A 96 19.67 6.39 -3.13
C LEU A 96 20.77 6.18 -4.16
N ALA A 97 21.69 7.12 -4.30
CA ALA A 97 22.81 6.94 -5.23
C ALA A 97 23.71 5.80 -4.79
N VAL A 98 23.94 5.68 -3.48
CA VAL A 98 24.83 4.64 -2.97
C VAL A 98 24.25 3.26 -3.24
N VAL A 99 22.96 3.08 -2.96
CA VAL A 99 22.34 1.78 -3.19
C VAL A 99 22.19 1.51 -4.69
N THR A 100 21.91 2.55 -5.48
CA THR A 100 21.80 2.38 -6.93
C THR A 100 23.13 1.94 -7.52
N VAL A 101 24.23 2.60 -7.13
CA VAL A 101 25.55 2.18 -7.58
C VAL A 101 25.87 0.78 -7.08
N ALA A 102 25.42 0.45 -5.86
CA ALA A 102 25.61 -0.90 -5.34
C ALA A 102 24.92 -1.94 -6.23
N GLY A 103 23.71 -1.63 -6.69
CA GLY A 103 23.03 -2.54 -7.58
C GLY A 103 23.66 -2.60 -8.96
N MET A 104 24.39 -1.54 -9.33
CA MET A 104 25.05 -1.52 -10.64
C MET A 104 26.15 -2.57 -10.72
N LEU A 105 27.02 -2.60 -9.71
CA LEU A 105 28.17 -3.51 -9.71
C LEU A 105 27.88 -4.81 -8.97
N ALA A 106 26.65 -5.00 -8.47
CA ALA A 106 26.29 -6.23 -7.79
C ALA A 106 24.92 -6.72 -8.23
N ALA A 107 24.50 -6.38 -9.45
CA ALA A 107 23.22 -6.87 -9.96
C ALA A 107 23.13 -8.40 -10.01
N PRO A 108 24.13 -9.14 -10.50
CA PRO A 108 24.04 -10.61 -10.41
C PRO A 108 23.94 -11.10 -8.98
N TRP A 109 24.63 -10.47 -8.03
CA TRP A 109 24.57 -10.90 -6.64
C TRP A 109 23.18 -10.69 -6.07
N VAL A 110 22.54 -9.56 -6.40
CA VAL A 110 21.20 -9.29 -5.89
C VAL A 110 20.20 -10.27 -6.47
N ILE A 111 20.39 -10.67 -7.73
CA ILE A 111 19.44 -11.56 -8.38
C ILE A 111 19.41 -12.92 -7.70
N MET A 112 20.59 -13.50 -7.43
CA MET A 112 20.62 -14.78 -6.75
C MET A 112 20.14 -14.67 -5.32
N VAL A 113 20.41 -13.52 -4.67
CA VAL A 113 19.92 -13.31 -3.31
C VAL A 113 18.40 -13.26 -3.29
N THR A 114 17.79 -12.57 -4.26
CA THR A 114 16.34 -12.42 -4.28
C THR A 114 15.65 -13.70 -4.73
N ALA A 115 15.91 -14.14 -5.96
CA ALA A 115 15.26 -15.30 -6.54
C ALA A 115 16.28 -16.39 -6.85
N PRO A 116 16.39 -17.41 -6.02
CA PRO A 116 17.29 -18.53 -6.35
C PRO A 116 16.88 -19.29 -7.59
N GLY A 117 15.62 -19.16 -8.03
CA GLY A 117 15.15 -19.82 -9.23
C GLY A 117 15.57 -19.17 -10.53
N PHE A 118 16.31 -18.07 -10.46
CA PHE A 118 16.82 -17.41 -11.66
C PHE A 118 18.28 -17.72 -11.94
N ALA A 119 19.06 -18.07 -10.91
CA ALA A 119 20.49 -18.35 -11.11
C ALA A 119 20.70 -19.62 -11.92
N ASP A 120 19.88 -20.64 -11.68
CA ASP A 120 20.05 -21.92 -12.38
C ASP A 120 19.84 -21.75 -13.88
N THR A 121 18.85 -20.96 -14.27
CA THR A 121 18.59 -20.67 -15.68
C THR A 121 19.57 -19.62 -16.14
N ALA A 122 20.55 -20.03 -16.94
CA ALA A 122 21.59 -19.10 -17.37
C ALA A 122 21.04 -17.99 -18.24
N ASP A 123 20.16 -18.33 -19.18
CA ASP A 123 19.64 -17.32 -20.11
C ASP A 123 18.70 -16.33 -19.41
N LYS A 124 18.02 -16.77 -18.36
CA LYS A 124 17.19 -15.86 -17.59
C LYS A 124 18.02 -15.03 -16.63
N PHE A 125 19.08 -15.62 -16.07
CA PHE A 125 19.97 -14.88 -15.18
C PHE A 125 20.64 -13.73 -15.92
N ALA A 126 21.12 -13.99 -17.14
CA ALA A 126 21.74 -12.94 -17.92
C ALA A 126 20.73 -11.87 -18.31
N LEU A 127 19.49 -12.27 -18.63
CA LEU A 127 18.47 -11.29 -18.97
C LEU A 127 18.09 -10.44 -17.78
N THR A 128 17.79 -11.06 -16.64
CA THR A 128 17.31 -10.32 -15.48
C THR A 128 18.38 -9.38 -14.94
N SER A 129 19.66 -9.77 -15.03
CA SER A 129 20.71 -8.87 -14.60
C SER A 129 20.74 -7.61 -15.46
N GLN A 130 20.50 -7.74 -16.76
CA GLN A 130 20.46 -6.58 -17.64
C GLN A 130 19.29 -5.68 -17.30
N LEU A 131 18.09 -6.24 -17.18
CA LEU A 131 16.92 -5.43 -16.86
C LEU A 131 17.04 -4.78 -15.49
N LEU A 132 17.52 -5.54 -14.49
CA LEU A 132 17.68 -4.97 -13.16
C LEU A 132 18.62 -3.78 -13.18
N LYS A 133 19.67 -3.84 -14.00
CA LYS A 133 20.57 -2.70 -14.15
C LYS A 133 19.84 -1.50 -14.74
N ILE A 134 18.98 -1.72 -15.73
CA ILE A 134 18.28 -0.61 -16.38
C ILE A 134 17.26 0.01 -15.43
N THR A 135 16.46 -0.81 -14.76
CA THR A 135 15.37 -0.32 -13.93
C THR A 135 15.79 -0.01 -12.50
N PHE A 136 17.05 -0.23 -12.14
CA PHE A 136 17.49 0.13 -10.79
C PHE A 136 17.40 1.63 -10.52
N PRO A 137 17.80 2.54 -11.42
CA PRO A 137 17.63 3.97 -11.13
C PRO A 137 16.19 4.40 -10.93
N TYR A 138 15.22 3.52 -11.17
CA TYR A 138 13.83 3.89 -10.93
C TYR A 138 13.57 4.17 -9.46
N ILE A 139 14.23 3.43 -8.56
CA ILE A 139 14.07 3.70 -7.14
C ILE A 139 14.63 5.08 -6.79
N LEU A 140 15.70 5.49 -7.50
CA LEU A 140 16.21 6.84 -7.32
C LEU A 140 15.20 7.88 -7.81
N LEU A 141 14.66 7.68 -9.01
CA LEU A 141 13.72 8.66 -9.57
C LEU A 141 12.44 8.72 -8.75
N ILE A 142 11.91 7.57 -8.34
CA ILE A 142 10.66 7.56 -7.59
C ILE A 142 10.88 8.08 -6.17
N SER A 143 12.12 8.05 -5.68
CA SER A 143 12.39 8.59 -4.35
C SER A 143 12.24 10.10 -4.33
N LEU A 144 12.81 10.78 -5.33
CA LEU A 144 12.61 12.22 -5.44
C LEU A 144 11.18 12.54 -5.89
N ALA A 145 10.61 11.68 -6.74
CA ALA A 145 9.24 11.90 -7.18
C ALA A 145 8.26 11.86 -6.01
N SER A 146 8.41 10.88 -5.12
CA SER A 146 7.58 10.84 -3.93
C SER A 146 7.98 11.88 -2.91
N LEU A 147 9.25 12.30 -2.91
CA LEU A 147 9.67 13.38 -2.03
C LEU A 147 8.98 14.68 -2.41
N VAL A 148 8.93 14.98 -3.72
CA VAL A 148 8.21 16.17 -4.18
C VAL A 148 6.71 16.00 -3.95
N GLY A 149 6.20 14.78 -4.11
CA GLY A 149 4.80 14.54 -3.79
C GLY A 149 4.49 14.76 -2.32
N ALA A 150 5.45 14.45 -1.45
CA ALA A 150 5.22 14.61 -0.01
C ALA A 150 5.16 16.08 0.38
N ILE A 151 6.08 16.90 -0.14
CA ILE A 151 6.09 18.31 0.21
C ILE A 151 4.87 19.01 -0.40
N LEU A 152 4.48 18.61 -1.62
CA LEU A 152 3.27 19.16 -2.21
C LEU A 152 2.05 18.84 -1.36
N ASN A 153 1.98 17.62 -0.81
CA ASN A 153 0.89 17.27 0.09
C ASN A 153 0.89 18.16 1.32
N THR A 154 2.08 18.50 1.82
CA THR A 154 2.17 19.42 2.96
C THR A 154 1.61 20.79 2.61
N TRP A 155 1.70 21.20 1.35
CA TRP A 155 1.18 22.48 0.89
C TRP A 155 -0.22 22.36 0.29
N ASN A 156 -0.96 21.32 0.68
CA ASN A 156 -2.35 21.11 0.28
C ASN A 156 -2.52 20.90 -1.22
N ARG A 157 -1.55 20.30 -1.89
CA ARG A 157 -1.67 19.89 -3.28
C ARG A 157 -1.61 18.37 -3.33
N PHE A 158 -2.77 17.74 -3.47
CA PHE A 158 -2.87 16.28 -3.49
C PHE A 158 -3.19 15.71 -4.85
N SER A 159 -3.83 16.49 -5.73
CA SER A 159 -4.14 16.00 -7.07
C SER A 159 -2.88 15.71 -7.87
N ILE A 160 -1.90 16.61 -7.79
CA ILE A 160 -0.67 16.44 -8.57
C ILE A 160 0.10 15.19 -8.18
N PRO A 161 0.38 14.92 -6.89
CA PRO A 161 1.09 13.67 -6.55
C PRO A 161 0.32 12.42 -6.92
N ALA A 162 -1.01 12.46 -6.86
CA ALA A 162 -1.80 11.27 -7.16
C ALA A 162 -1.77 10.93 -8.65
N PHE A 163 -1.43 11.91 -9.50
CA PHE A 163 -1.35 11.64 -10.93
C PHE A 163 -0.07 10.86 -11.26
N ALA A 164 0.99 11.05 -10.47
CA ALA A 164 2.27 10.42 -10.75
C ALA A 164 2.21 8.90 -10.93
N PRO A 165 1.52 8.14 -10.07
CA PRO A 165 1.50 6.68 -10.29
C PRO A 165 0.93 6.27 -11.63
N THR A 166 -0.25 6.78 -12.00
CA THR A 166 -0.83 6.41 -13.29
C THR A 166 -0.07 7.04 -14.45
N LEU A 167 0.68 8.11 -14.20
CA LEU A 167 1.48 8.72 -15.26
C LEU A 167 2.54 7.74 -15.76
N LEU A 168 3.15 6.98 -14.84
CA LEU A 168 4.11 5.96 -15.24
C LEU A 168 3.44 4.86 -16.05
N ASN A 169 2.15 4.62 -15.81
CA ASN A 169 1.44 3.59 -16.56
C ASN A 169 1.27 4.00 -18.02
N ILE A 170 1.01 5.28 -18.29
CA ILE A 170 0.89 5.74 -19.66
C ILE A 170 2.22 5.68 -20.37
N SER A 171 3.30 6.07 -19.69
CA SER A 171 4.63 6.00 -20.30
C SER A 171 5.02 4.57 -20.63
N MET A 172 4.71 3.63 -19.73
CA MET A 172 5.00 2.23 -20.01
C MET A 172 4.10 1.69 -21.11
N ILE A 173 2.86 2.16 -21.18
CA ILE A 173 1.94 1.68 -22.21
C ILE A 173 2.41 2.15 -23.59
N GLY A 174 2.96 3.36 -23.67
CA GLY A 174 3.46 3.85 -24.95
C GLY A 174 4.69 3.11 -25.42
N PHE A 175 5.62 2.82 -24.50
CA PHE A 175 6.85 2.12 -24.88
C PHE A 175 6.56 0.71 -25.37
N ALA A 176 5.66 0.01 -24.67
CA ALA A 176 5.33 -1.35 -25.08
C ALA A 176 4.57 -1.38 -26.40
N LEU A 177 3.68 -0.41 -26.61
CA LEU A 177 2.86 -0.40 -27.82
C LEU A 177 3.64 0.01 -29.05
N PHE A 178 4.63 0.89 -28.91
CA PHE A 178 5.30 1.50 -30.04
C PHE A 178 6.73 1.02 -30.22
N ALA A 179 7.57 1.16 -29.19
CA ALA A 179 8.99 0.83 -29.32
C ALA A 179 9.28 -0.63 -29.01
N ALA A 180 8.52 -1.53 -29.62
CA ALA A 180 8.76 -2.96 -29.49
C ALA A 180 9.88 -3.44 -30.42
N PRO A 181 9.87 -3.12 -31.72
CA PRO A 181 10.93 -3.64 -32.59
C PRO A 181 12.27 -2.93 -32.44
N TYR A 182 12.35 -1.88 -31.63
CA TYR A 182 13.59 -1.11 -31.50
C TYR A 182 14.59 -1.76 -30.56
N PHE A 183 14.23 -2.85 -29.88
CA PHE A 183 15.12 -3.53 -28.97
C PHE A 183 15.14 -5.02 -29.27
N ASN A 184 16.31 -5.62 -29.15
CA ASN A 184 16.51 -7.05 -29.40
C ASN A 184 17.20 -7.67 -28.18
N PRO A 185 16.46 -8.39 -27.33
CA PRO A 185 15.02 -8.67 -27.38
C PRO A 185 14.18 -7.46 -26.99
N PRO A 186 12.91 -7.43 -27.40
CA PRO A 186 12.06 -6.27 -27.09
C PRO A 186 11.79 -6.06 -25.61
N VAL A 187 12.13 -7.05 -24.76
CA VAL A 187 11.84 -6.93 -23.33
C VAL A 187 12.60 -5.76 -22.71
N LEU A 188 13.77 -5.43 -23.26
CA LEU A 188 14.53 -4.29 -22.73
C LEU A 188 13.78 -2.98 -22.89
N ALA A 189 12.84 -2.92 -23.84
CA ALA A 189 12.02 -1.72 -23.98
C ALA A 189 11.19 -1.48 -22.74
N LEU A 190 10.64 -2.55 -22.15
CA LEU A 190 9.90 -2.42 -20.89
C LEU A 190 10.82 -1.99 -19.77
N ALA A 191 12.07 -2.49 -19.77
CA ALA A 191 13.03 -2.10 -18.75
C ALA A 191 13.33 -0.60 -18.83
N TRP A 192 13.47 -0.08 -20.05
CA TRP A 192 13.65 1.35 -20.22
C TRP A 192 12.36 2.12 -19.93
N ALA A 193 11.22 1.46 -20.12
CA ALA A 193 9.92 2.12 -19.95
C ALA A 193 9.72 2.61 -18.52
N VAL A 194 10.05 1.77 -17.53
CA VAL A 194 9.87 2.17 -16.14
C VAL A 194 10.86 3.27 -15.78
N THR A 195 12.08 3.19 -16.31
CA THR A 195 13.07 4.23 -16.04
C THR A 195 12.63 5.57 -16.60
N VAL A 196 12.15 5.59 -17.85
CA VAL A 196 11.62 6.81 -18.45
C VAL A 196 10.40 7.27 -17.68
N GLY A 197 9.57 6.32 -17.24
CA GLY A 197 8.41 6.67 -16.43
C GLY A 197 8.80 7.34 -15.13
N GLY A 198 9.90 6.89 -14.52
CA GLY A 198 10.38 7.51 -13.30
C GLY A 198 10.80 8.95 -13.52
N VAL A 199 11.51 9.22 -14.62
CA VAL A 199 11.89 10.59 -14.94
C VAL A 199 10.66 11.43 -15.24
N LEU A 200 9.75 10.88 -16.04
CA LEU A 200 8.53 11.61 -16.38
C LEU A 200 7.71 11.92 -15.14
N GLN A 201 7.72 11.01 -14.17
CA GLN A 201 7.05 11.28 -12.90
C GLN A 201 7.67 12.48 -12.19
N LEU A 202 9.00 12.51 -12.12
CA LEU A 202 9.67 13.59 -11.40
C LEU A 202 9.45 14.93 -12.08
N VAL A 203 9.75 15.00 -13.38
CA VAL A 203 9.70 16.27 -14.11
C VAL A 203 8.29 16.85 -14.08
N TYR A 204 7.30 16.00 -13.83
CA TYR A 204 5.91 16.46 -13.84
C TYR A 204 5.68 17.50 -12.75
N GLN A 205 6.22 17.28 -11.55
CA GLN A 205 5.87 18.14 -10.42
C GLN A 205 6.75 19.37 -10.24
N LEU A 206 7.86 19.50 -10.98
CA LEU A 206 8.64 20.72 -10.87
C LEU A 206 7.87 21.99 -11.24
N PRO A 207 7.07 22.02 -12.31
CA PRO A 207 6.27 23.24 -12.56
C PRO A 207 5.35 23.60 -11.40
N HIS A 208 4.75 22.60 -10.76
CA HIS A 208 3.92 22.89 -9.59
C HIS A 208 4.76 23.32 -8.40
N LEU A 209 5.92 22.70 -8.22
CA LEU A 209 6.82 23.08 -7.12
C LEU A 209 7.34 24.50 -7.32
N LYS A 210 7.43 24.96 -8.57
CA LYS A 210 7.85 26.33 -8.83
C LYS A 210 6.83 27.34 -8.33
N LYS A 211 5.54 26.97 -8.36
CA LYS A 211 4.50 27.90 -7.93
C LYS A 211 4.64 28.27 -6.46
N ILE A 212 4.94 27.28 -5.60
CA ILE A 212 5.10 27.53 -4.18
C ILE A 212 6.48 28.06 -3.83
N GLY A 213 7.40 28.12 -4.80
CA GLY A 213 8.73 28.61 -4.52
C GLY A 213 9.58 27.69 -3.69
N MET A 214 9.26 26.40 -3.66
CA MET A 214 10.00 25.43 -2.86
C MET A 214 11.10 24.73 -3.64
N LEU A 215 11.34 25.13 -4.89
CA LEU A 215 12.41 24.54 -5.67
C LEU A 215 13.76 24.84 -5.02
N VAL A 216 14.59 23.81 -4.87
CA VAL A 216 15.88 23.93 -4.18
C VAL A 216 16.86 22.96 -4.81
N LEU A 217 18.11 23.40 -4.95
CA LEU A 217 19.17 22.50 -5.34
C LEU A 217 19.52 21.57 -4.18
N PRO A 218 19.81 20.30 -4.46
CA PRO A 218 20.13 19.35 -3.37
C PRO A 218 21.51 19.57 -2.77
N ARG A 219 21.65 20.60 -1.93
CA ARG A 219 22.90 20.85 -1.24
C ARG A 219 23.12 19.83 -0.13
N ILE A 220 24.37 19.67 0.28
CA ILE A 220 24.79 18.63 1.19
C ILE A 220 25.36 19.26 2.46
N ASN A 221 24.82 18.85 3.62
CA ASN A 221 25.37 19.26 4.91
C ASN A 221 24.95 18.21 5.94
N PHE A 222 25.90 17.33 6.30
CA PHE A 222 25.60 16.29 7.28
C PHE A 222 25.35 16.89 8.66
N HIS A 223 26.11 17.93 9.03
CA HIS A 223 26.02 18.52 10.36
C HIS A 223 24.74 19.31 10.58
N ASP A 224 23.95 19.55 9.54
CA ASP A 224 22.72 20.32 9.70
C ASP A 224 21.73 19.57 10.58
N ALA A 225 21.09 20.31 11.50
CA ALA A 225 20.24 19.68 12.50
C ALA A 225 19.03 18.99 11.88
N GLY A 226 18.42 19.62 10.87
CA GLY A 226 17.23 19.05 10.27
C GLY A 226 17.48 17.68 9.65
N ALA A 227 18.60 17.54 8.95
CA ALA A 227 18.94 16.25 8.36
C ALA A 227 19.19 15.20 9.44
N MET A 228 19.87 15.59 10.52
CA MET A 228 20.12 14.66 11.61
C MET A 228 18.81 14.20 12.26
N ARG A 229 17.87 15.13 12.44
CA ARG A 229 16.57 14.77 13.01
C ARG A 229 15.81 13.82 12.11
N VAL A 230 15.87 14.05 10.79
CA VAL A 230 15.18 13.17 9.86
C VAL A 230 15.72 11.76 9.95
N VAL A 231 17.05 11.62 9.99
CA VAL A 231 17.65 10.30 10.11
C VAL A 231 17.34 9.68 11.47
N LYS A 232 17.35 10.51 12.52
CA LYS A 232 17.07 10.00 13.86
C LYS A 232 15.67 9.40 13.95
N GLN A 233 14.67 10.09 13.40
CA GLN A 233 13.32 9.56 13.36
C GLN A 233 13.16 8.46 12.32
N MET A 234 14.04 8.42 11.31
CA MET A 234 13.99 7.34 10.34
C MET A 234 14.39 6.01 10.97
N GLY A 235 15.10 6.05 12.10
CA GLY A 235 15.47 4.85 12.82
C GLY A 235 14.28 3.99 13.18
N PRO A 236 13.39 4.52 14.03
CA PRO A 236 12.16 3.78 14.33
C PRO A 236 11.30 3.49 13.11
N ALA A 237 11.31 4.39 12.11
CA ALA A 237 10.51 4.15 10.92
C ALA A 237 11.00 2.93 10.16
N ILE A 238 12.31 2.77 10.01
CA ILE A 238 12.86 1.58 9.38
C ILE A 238 12.56 0.35 10.23
N LEU A 239 12.60 0.50 11.55
CA LEU A 239 12.27 -0.61 12.43
C LEU A 239 10.83 -1.07 12.23
N GLY A 240 9.91 -0.11 12.05
CA GLY A 240 8.53 -0.47 11.79
C GLY A 240 8.36 -1.17 10.46
N VAL A 241 9.09 -0.73 9.44
CA VAL A 241 9.00 -1.37 8.12
C VAL A 241 9.53 -2.80 8.19
N SER A 242 10.67 -2.99 8.88
CA SER A 242 11.21 -4.33 9.02
C SER A 242 10.31 -5.21 9.88
N VAL A 243 9.66 -4.64 10.88
CA VAL A 243 8.74 -5.42 11.71
C VAL A 243 7.57 -5.91 10.88
N SER A 244 6.99 -5.02 10.05
CA SER A 244 5.93 -5.44 9.16
C SER A 244 6.44 -6.46 8.14
N GLN A 245 7.69 -6.31 7.70
CA GLN A 245 8.28 -7.29 6.80
C GLN A 245 8.40 -8.65 7.47
N ILE A 246 8.80 -8.68 8.74
CA ILE A 246 8.90 -9.94 9.46
C ILE A 246 7.54 -10.62 9.54
N SER A 247 6.50 -9.84 9.86
CA SER A 247 5.15 -10.40 9.91
C SER A 247 4.75 -10.99 8.56
N LEU A 248 5.10 -10.29 7.46
CA LEU A 248 4.82 -10.83 6.14
C LEU A 248 5.63 -12.10 5.89
N ILE A 249 6.85 -12.16 6.41
CA ILE A 249 7.71 -13.32 6.18
C ILE A 249 7.13 -14.56 6.83
N ILE A 250 6.73 -14.47 8.09
CA ILE A 250 6.19 -15.64 8.78
C ILE A 250 4.83 -16.02 8.18
N ASN A 251 4.08 -15.05 7.68
CA ASN A 251 2.85 -15.39 6.96
C ASN A 251 3.16 -16.25 5.74
N THR A 252 4.26 -15.93 5.04
CA THR A 252 4.69 -16.77 3.93
C THR A 252 5.15 -18.13 4.41
N ILE A 253 5.76 -18.19 5.59
CA ILE A 253 6.23 -19.47 6.14
C ILE A 253 5.04 -20.38 6.41
N PHE A 254 3.99 -19.84 7.03
CA PHE A 254 2.79 -20.64 7.28
C PHE A 254 2.12 -21.05 5.97
N ALA A 255 2.09 -20.13 5.00
CA ALA A 255 1.46 -20.44 3.72
C ALA A 255 2.21 -21.55 2.98
N SER A 256 3.54 -21.53 3.05
CA SER A 256 4.33 -22.57 2.39
C SER A 256 4.07 -23.93 3.02
N PHE A 257 3.94 -23.98 4.35
CA PHE A 257 3.63 -25.24 5.03
C PHE A 257 2.22 -25.72 4.72
N LEU A 258 1.35 -24.86 4.20
CA LEU A 258 -0.03 -25.22 3.96
C LEU A 258 -0.13 -26.15 2.75
N ALA A 259 -1.38 -26.47 2.37
CA ALA A 259 -1.62 -27.37 1.26
C ALA A 259 -1.15 -26.73 -0.05
N SER A 260 -0.83 -27.60 -1.02
CA SER A 260 -0.35 -27.13 -2.31
C SER A 260 -1.42 -26.32 -3.02
N GLY A 261 -1.00 -25.24 -3.66
CA GLY A 261 -1.90 -24.34 -4.35
C GLY A 261 -2.58 -23.31 -3.47
N SER A 262 -2.31 -23.32 -2.16
CA SER A 262 -2.93 -22.33 -1.28
C SER A 262 -2.34 -20.94 -1.48
N VAL A 263 -1.07 -20.86 -1.89
CA VAL A 263 -0.42 -19.56 -2.01
C VAL A 263 -1.09 -18.72 -3.09
N SER A 264 -1.59 -19.36 -4.15
CA SER A 264 -2.30 -18.62 -5.19
C SER A 264 -3.60 -18.02 -4.64
N TRP A 265 -4.31 -18.78 -3.81
CA TRP A 265 -5.56 -18.27 -3.24
C TRP A 265 -5.31 -17.07 -2.33
N MET A 266 -4.26 -17.13 -1.50
CA MET A 266 -3.92 -15.98 -0.68
C MET A 266 -3.48 -14.80 -1.53
N TYR A 267 -2.76 -15.07 -2.62
CA TYR A 267 -2.29 -13.99 -3.48
C TYR A 267 -3.48 -13.25 -4.13
N TYR A 268 -4.44 -14.01 -4.65
CA TYR A 268 -5.60 -13.38 -5.30
C TYR A 268 -6.49 -12.69 -4.28
N ALA A 269 -6.69 -13.31 -3.12
CA ALA A 269 -7.47 -12.66 -2.06
C ALA A 269 -6.80 -11.39 -1.60
N ASP A 270 -5.47 -11.41 -1.47
CA ASP A 270 -4.73 -10.20 -1.12
C ASP A 270 -4.83 -9.16 -2.22
N ARG A 271 -4.90 -9.57 -3.48
CA ARG A 271 -5.10 -8.62 -4.57
C ARG A 271 -6.45 -7.93 -4.44
N LEU A 272 -7.50 -8.71 -4.13
CA LEU A 272 -8.83 -8.14 -3.96
C LEU A 272 -9.00 -7.45 -2.61
N MET A 273 -8.04 -7.61 -1.70
CA MET A 273 -8.09 -6.95 -0.40
C MET A 273 -7.26 -5.68 -0.38
N GLU A 274 -6.11 -5.70 -1.05
CA GLU A 274 -5.26 -4.52 -1.15
C GLU A 274 -5.81 -3.51 -2.15
N PHE A 275 -6.68 -3.94 -3.06
CA PHE A 275 -7.31 -2.99 -3.99
C PHE A 275 -8.17 -1.95 -3.28
N PRO A 276 -9.09 -2.32 -2.38
CA PRO A 276 -9.87 -1.27 -1.70
C PRO A 276 -9.06 -0.55 -0.63
N SER A 277 -8.21 -1.27 0.11
CA SER A 277 -7.42 -0.62 1.15
C SER A 277 -6.37 0.31 0.54
N GLY A 278 -5.83 -0.06 -0.62
CA GLY A 278 -4.91 0.82 -1.31
C GLY A 278 -5.60 2.06 -1.87
N VAL A 279 -6.80 1.90 -2.42
CA VAL A 279 -7.53 3.05 -2.96
C VAL A 279 -8.01 3.95 -1.83
N LEU A 280 -8.51 3.36 -0.74
CA LEU A 280 -9.13 4.12 0.33
C LEU A 280 -8.15 4.42 1.46
N GLY A 281 -7.61 3.38 2.10
CA GLY A 281 -6.76 3.59 3.27
C GLY A 281 -5.47 4.31 2.95
N VAL A 282 -4.79 3.91 1.88
CA VAL A 282 -3.54 4.57 1.51
C VAL A 282 -3.79 6.02 1.17
N ALA A 283 -4.85 6.29 0.38
CA ALA A 283 -5.18 7.66 0.04
C ALA A 283 -5.51 8.48 1.27
N LEU A 284 -6.21 7.89 2.24
CA LEU A 284 -6.54 8.60 3.47
C LEU A 284 -5.28 8.97 4.24
N GLY A 285 -4.23 8.14 4.14
CA GLY A 285 -2.99 8.47 4.81
C GLY A 285 -2.30 9.68 4.22
N THR A 286 -2.27 9.77 2.89
CA THR A 286 -1.52 10.84 2.24
C THR A 286 -2.17 12.21 2.46
N ILE A 287 -3.47 12.24 2.75
CA ILE A 287 -4.13 13.52 3.01
C ILE A 287 -4.10 13.88 4.49
N LEU A 288 -4.31 12.91 5.37
CA LEU A 288 -4.38 13.21 6.80
C LEU A 288 -3.01 13.53 7.38
N LEU A 289 -1.97 12.81 6.97
CA LEU A 289 -0.65 13.00 7.58
C LEU A 289 -0.14 14.43 7.47
N PRO A 290 -0.15 15.09 6.30
CA PRO A 290 0.26 16.49 6.28
C PRO A 290 -0.65 17.41 7.06
N SER A 291 -1.97 17.17 7.03
CA SER A 291 -2.90 18.07 7.71
C SER A 291 -2.81 17.93 9.23
N LEU A 292 -2.69 16.70 9.72
CA LEU A 292 -2.55 16.50 11.16
C LEU A 292 -1.24 17.10 11.66
N SER A 293 -0.17 16.94 10.89
CA SER A 293 1.13 17.45 11.32
C SER A 293 1.13 18.96 11.41
N LYS A 294 0.46 19.63 10.47
CA LYS A 294 0.38 21.09 10.54
C LYS A 294 -0.39 21.54 11.77
N SER A 295 -1.49 20.86 12.09
CA SER A 295 -2.29 21.25 13.25
C SER A 295 -1.55 20.99 14.56
N PHE A 296 -0.88 19.83 14.67
CA PHE A 296 -0.14 19.52 15.89
C PHE A 296 1.02 20.49 16.09
N ALA A 297 1.75 20.80 15.02
CA ALA A 297 2.88 21.73 15.13
C ALA A 297 2.41 23.13 15.49
N SER A 298 1.30 23.58 14.90
CA SER A 298 0.80 24.92 15.16
C SER A 298 0.20 25.07 16.56
N GLY A 299 0.03 23.97 17.30
CA GLY A 299 -0.57 24.03 18.61
C GLY A 299 -2.08 23.99 18.64
N ASN A 300 -2.73 23.83 17.48
CA ASN A 300 -4.19 23.72 17.41
C ASN A 300 -4.60 22.28 17.72
N HIS A 301 -4.54 21.95 19.01
CA HIS A 301 -4.87 20.60 19.43
C HIS A 301 -6.34 20.28 19.20
N ASP A 302 -7.23 21.27 19.33
CA ASP A 302 -8.64 21.03 19.08
C ASP A 302 -8.91 20.75 17.60
N GLU A 303 -8.07 21.31 16.71
CA GLU A 303 -8.17 20.97 15.30
C GLU A 303 -7.54 19.62 15.02
N TYR A 304 -6.53 19.24 15.80
CA TYR A 304 -5.94 17.91 15.67
C TYR A 304 -6.95 16.83 16.04
N ASN A 305 -7.70 17.05 17.12
CA ASN A 305 -8.74 16.10 17.51
C ASN A 305 -9.88 16.08 16.49
N ARG A 306 -10.26 17.25 15.98
CA ARG A 306 -11.34 17.30 14.98
C ARG A 306 -10.93 16.57 13.71
N LEU A 307 -9.68 16.75 13.26
CA LEU A 307 -9.21 16.03 12.08
C LEU A 307 -9.16 14.54 12.32
N MET A 308 -8.71 14.12 13.51
CA MET A 308 -8.67 12.71 13.84
C MET A 308 -10.07 12.11 13.85
N ASP A 309 -11.03 12.82 14.45
CA ASP A 309 -12.41 12.34 14.49
C ASP A 309 -13.00 12.27 13.09
N TRP A 310 -12.77 13.31 12.28
CA TRP A 310 -13.31 13.32 10.92
C TRP A 310 -12.74 12.19 10.08
N GLY A 311 -11.44 11.93 10.21
CA GLY A 311 -10.85 10.80 9.50
C GLY A 311 -11.39 9.49 9.98
N LEU A 312 -11.69 9.39 11.28
CA LEU A 312 -12.21 8.14 11.83
C LEU A 312 -13.62 7.86 11.35
N ARG A 313 -14.50 8.87 11.42
CA ARG A 313 -15.89 8.66 11.03
C ARG A 313 -16.02 8.44 9.52
N LEU A 314 -15.22 9.15 8.73
CA LEU A 314 -15.24 8.93 7.29
C LEU A 314 -14.67 7.56 6.94
N CYS A 315 -13.70 7.09 7.71
CA CYS A 315 -13.18 5.74 7.51
C CYS A 315 -14.28 4.71 7.73
N PHE A 316 -15.05 4.86 8.82
CA PHE A 316 -16.14 3.94 9.08
C PHE A 316 -17.21 4.03 7.99
N LEU A 317 -17.47 5.24 7.51
CA LEU A 317 -18.51 5.45 6.50
C LEU A 317 -18.15 4.75 5.19
N LEU A 318 -16.87 4.79 4.81
CA LEU A 318 -16.45 4.28 3.52
C LEU A 318 -15.87 2.87 3.59
N ALA A 319 -15.62 2.33 4.78
CA ALA A 319 -15.04 1.00 4.91
C ALA A 319 -16.03 -0.07 5.33
N LEU A 320 -16.96 0.24 6.23
CA LEU A 320 -17.94 -0.75 6.65
C LEU A 320 -18.79 -1.27 5.50
N PRO A 321 -19.39 -0.42 4.65
CA PRO A 321 -20.09 -0.97 3.47
C PRO A 321 -19.16 -1.73 2.54
N SER A 322 -17.91 -1.29 2.40
CA SER A 322 -16.99 -1.96 1.49
C SER A 322 -16.66 -3.36 1.99
N ALA A 323 -16.43 -3.52 3.30
CA ALA A 323 -16.08 -4.82 3.85
C ALA A 323 -17.24 -5.80 3.71
N VAL A 324 -18.45 -5.37 4.04
CA VAL A 324 -19.61 -6.26 3.94
C VAL A 324 -19.93 -6.56 2.49
N ALA A 325 -19.74 -5.58 1.59
CA ALA A 325 -19.99 -5.82 0.17
C ALA A 325 -19.03 -6.86 -0.39
N LEU A 326 -17.74 -6.76 -0.03
CA LEU A 326 -16.77 -7.73 -0.50
C LEU A 326 -17.07 -9.12 0.06
N GLY A 327 -17.51 -9.19 1.32
CA GLY A 327 -17.90 -10.47 1.88
C GLY A 327 -19.12 -11.07 1.20
N ILE A 328 -20.12 -10.24 0.90
CA ILE A 328 -21.32 -10.72 0.22
C ILE A 328 -20.98 -11.19 -1.18
N LEU A 329 -20.19 -10.40 -1.92
CA LEU A 329 -19.80 -10.74 -3.28
C LEU A 329 -18.46 -11.46 -3.34
N SER A 330 -18.12 -12.24 -2.30
CA SER A 330 -16.92 -13.05 -2.36
C SER A 330 -17.01 -14.09 -3.48
N GLY A 331 -18.19 -14.67 -3.68
CA GLY A 331 -18.43 -15.58 -4.75
C GLY A 331 -18.38 -14.93 -6.12
N PRO A 332 -19.27 -13.95 -6.36
CA PRO A 332 -19.28 -13.30 -7.68
C PRO A 332 -17.96 -12.67 -8.09
N LEU A 333 -17.23 -12.08 -7.15
CA LEU A 333 -15.97 -11.41 -7.50
C LEU A 333 -14.94 -12.42 -8.02
N THR A 334 -14.80 -13.55 -7.32
CA THR A 334 -13.80 -14.54 -7.72
C THR A 334 -14.15 -15.18 -9.05
N VAL A 335 -15.43 -15.52 -9.26
CA VAL A 335 -15.83 -16.18 -10.49
C VAL A 335 -15.87 -15.24 -11.69
N SER A 336 -15.82 -13.94 -11.46
CA SER A 336 -15.83 -12.96 -12.55
C SER A 336 -14.45 -12.37 -12.83
N LEU A 337 -13.47 -12.60 -11.95
CA LEU A 337 -12.13 -12.06 -12.14
C LEU A 337 -11.05 -13.12 -12.25
N PHE A 338 -11.30 -14.34 -11.77
CA PHE A 338 -10.25 -15.36 -11.70
C PHE A 338 -10.66 -16.72 -12.25
N GLN A 339 -11.96 -17.01 -12.39
CA GLN A 339 -12.41 -18.33 -12.85
C GLN A 339 -12.41 -18.36 -14.38
N TYR A 340 -11.19 -18.45 -14.94
CA TYR A 340 -10.98 -18.39 -16.39
C TYR A 340 -9.87 -19.37 -16.78
N GLY A 341 -10.28 -20.55 -17.21
CA GLY A 341 -9.35 -21.53 -17.76
C GLY A 341 -8.60 -22.34 -16.73
N LYS A 342 -7.60 -21.73 -16.09
CA LYS A 342 -6.80 -22.43 -15.09
C LYS A 342 -7.55 -22.62 -13.78
N PHE A 343 -8.69 -21.97 -13.60
CA PHE A 343 -9.47 -22.06 -12.37
C PHE A 343 -10.68 -22.97 -12.56
N THR A 344 -11.07 -23.61 -11.47
CA THR A 344 -12.30 -24.40 -11.44
C THR A 344 -13.24 -23.84 -10.38
N ALA A 345 -14.37 -24.52 -10.15
CA ALA A 345 -15.26 -24.09 -9.08
C ALA A 345 -14.61 -24.26 -7.71
N PHE A 346 -13.69 -25.22 -7.57
CA PHE A 346 -13.01 -25.42 -6.30
C PHE A 346 -12.12 -24.23 -5.95
N ASP A 347 -11.27 -23.82 -6.89
CA ASP A 347 -10.34 -22.72 -6.61
C ASP A 347 -11.08 -21.43 -6.33
N ALA A 348 -12.15 -21.16 -7.07
CA ALA A 348 -12.94 -19.96 -6.81
C ALA A 348 -13.56 -20.00 -5.42
N LEU A 349 -13.98 -21.18 -4.97
CA LEU A 349 -14.59 -21.29 -3.65
C LEU A 349 -13.59 -20.97 -2.55
N MET A 350 -12.37 -21.50 -2.66
CA MET A 350 -11.35 -21.22 -1.64
C MET A 350 -11.00 -19.74 -1.60
N THR A 351 -10.90 -19.11 -2.78
CA THR A 351 -10.60 -17.68 -2.81
C THR A 351 -11.72 -16.87 -2.17
N GLN A 352 -12.96 -17.34 -2.26
CA GLN A 352 -14.07 -16.64 -1.63
C GLN A 352 -14.01 -16.75 -0.12
N ARG A 353 -13.52 -17.90 0.39
CA ARG A 353 -13.39 -18.05 1.83
C ARG A 353 -12.25 -17.20 2.38
N ALA A 354 -11.16 -17.07 1.62
CA ALA A 354 -10.10 -16.15 2.01
C ALA A 354 -10.53 -14.71 1.84
N LEU A 355 -11.50 -14.45 0.94
CA LEU A 355 -11.97 -13.10 0.71
C LEU A 355 -12.81 -12.60 1.87
N ILE A 356 -13.73 -13.44 2.38
CA ILE A 356 -14.56 -13.02 3.50
C ILE A 356 -13.71 -12.88 4.76
N ALA A 357 -12.74 -13.77 4.94
CA ALA A 357 -11.83 -13.67 6.08
C ALA A 357 -11.02 -12.39 6.02
N TYR A 358 -10.50 -12.05 4.85
CA TYR A 358 -9.75 -10.81 4.70
C TYR A 358 -10.65 -9.59 4.87
N SER A 359 -11.88 -9.68 4.35
CA SER A 359 -12.81 -8.56 4.43
C SER A 359 -13.26 -8.28 5.86
N VAL A 360 -13.15 -9.26 6.75
CA VAL A 360 -13.42 -9.01 8.16
C VAL A 360 -12.46 -7.96 8.71
N GLY A 361 -11.19 -8.07 8.35
CA GLY A 361 -10.19 -7.09 8.70
C GLY A 361 -9.99 -5.99 7.69
N LEU A 362 -10.81 -5.91 6.66
CA LEU A 362 -10.72 -4.80 5.71
C LEU A 362 -10.93 -3.47 6.41
N ILE A 363 -11.91 -3.42 7.31
CA ILE A 363 -12.11 -2.22 8.13
C ILE A 363 -10.87 -1.95 8.97
N GLY A 364 -10.24 -3.01 9.47
CA GLY A 364 -9.05 -2.83 10.30
C GLY A 364 -7.87 -2.25 9.55
N LEU A 365 -7.65 -2.72 8.31
CA LEU A 365 -6.53 -2.21 7.51
C LEU A 365 -6.66 -0.72 7.26
N ILE A 366 -7.87 -0.27 6.90
CA ILE A 366 -8.07 1.13 6.55
C ILE A 366 -7.98 2.01 7.80
N VAL A 367 -8.62 1.58 8.89
CA VAL A 367 -8.61 2.41 10.10
C VAL A 367 -7.21 2.48 10.69
N VAL A 368 -6.38 1.46 10.45
CA VAL A 368 -4.98 1.54 10.85
C VAL A 368 -4.28 2.67 10.10
N LYS A 369 -4.59 2.82 8.81
CA LYS A 369 -4.03 3.92 8.03
C LYS A 369 -4.54 5.27 8.48
N VAL A 370 -5.58 5.31 9.33
CA VAL A 370 -6.04 6.57 9.90
C VAL A 370 -5.41 6.81 11.26
N LEU A 371 -5.34 5.76 12.08
CA LEU A 371 -4.83 5.91 13.45
C LEU A 371 -3.32 6.07 13.48
N ALA A 372 -2.60 5.33 12.62
CA ALA A 372 -1.14 5.41 12.62
C ALA A 372 -0.62 6.82 12.35
N PRO A 373 -1.16 7.59 11.41
CA PRO A 373 -0.70 9.00 11.27
C PRO A 373 -0.96 9.84 12.51
N GLY A 374 -1.77 9.37 13.45
CA GLY A 374 -1.96 10.12 14.69
C GLY A 374 -0.68 10.25 15.50
N PHE A 375 0.01 9.12 15.71
CA PHE A 375 1.30 9.18 16.39
C PHE A 375 2.41 9.67 15.46
N TYR A 376 2.31 9.35 14.17
CA TYR A 376 3.25 9.91 13.21
C TYR A 376 3.21 11.44 13.24
N SER A 377 2.01 12.00 13.43
CA SER A 377 1.87 13.45 13.56
C SER A 377 2.53 13.97 14.83
N ARG A 378 2.53 13.19 15.90
CA ARG A 378 3.04 13.68 17.17
C ARG A 378 4.55 13.60 17.26
N GLN A 379 5.22 13.24 16.17
CA GLN A 379 6.67 13.03 16.15
C GLN A 379 7.08 11.99 17.19
N ASP A 380 6.20 11.01 17.39
CA ASP A 380 6.44 9.89 18.30
C ASP A 380 6.18 8.63 17.50
N ILE A 381 7.21 8.19 16.75
CA ILE A 381 7.08 7.00 15.93
C ILE A 381 7.36 5.73 16.72
N LYS A 382 7.93 5.84 17.92
CA LYS A 382 8.24 4.65 18.71
C LYS A 382 6.97 3.89 19.09
N THR A 383 5.91 4.61 19.45
CA THR A 383 4.68 3.95 19.87
C THR A 383 4.06 3.07 18.79
N PRO A 384 3.91 3.53 17.54
CA PRO A 384 3.40 2.61 16.51
C PRO A 384 4.25 1.36 16.31
N VAL A 385 5.58 1.48 16.44
CA VAL A 385 6.41 0.29 16.35
C VAL A 385 6.19 -0.63 17.55
N LYS A 386 6.00 -0.05 18.74
CA LYS A 386 5.70 -0.87 19.91
C LYS A 386 4.42 -1.64 19.73
N ILE A 387 3.40 -1.00 19.14
CA ILE A 387 2.18 -1.71 18.78
C ILE A 387 2.46 -2.73 17.70
N ALA A 388 3.38 -2.41 16.79
CA ALA A 388 3.68 -3.30 15.67
C ALA A 388 4.31 -4.61 16.14
N ILE A 389 5.25 -4.55 17.09
CA ILE A 389 5.87 -5.77 17.58
C ILE A 389 4.88 -6.56 18.42
N VAL A 390 4.09 -5.87 19.24
CA VAL A 390 3.07 -6.56 20.04
C VAL A 390 2.09 -7.26 19.14
N THR A 391 1.63 -6.59 18.07
CA THR A 391 0.77 -7.23 17.09
C THR A 391 1.48 -8.40 16.41
N LEU A 392 2.78 -8.25 16.16
CA LEU A 392 3.52 -9.29 15.44
C LEU A 392 3.51 -10.60 16.21
N ILE A 393 3.87 -10.55 17.50
CA ILE A 393 3.97 -11.79 18.27
C ILE A 393 2.60 -12.44 18.43
N LEU A 394 1.58 -11.64 18.72
CA LEU A 394 0.24 -12.21 18.88
C LEU A 394 -0.32 -12.71 17.57
N THR A 395 0.14 -12.15 16.44
CA THR A 395 -0.33 -12.64 15.14
C THR A 395 0.07 -14.09 14.92
N GLN A 396 1.27 -14.46 15.37
CA GLN A 396 1.75 -15.82 15.12
C GLN A 396 1.01 -16.83 15.99
N LEU A 397 0.62 -16.46 17.21
CA LEU A 397 -0.05 -17.41 18.08
C LEU A 397 -1.48 -17.66 17.63
N MET A 398 -2.11 -16.68 16.98
CA MET A 398 -3.39 -16.96 16.35
C MET A 398 -3.20 -17.64 15.00
N ASN A 399 -2.04 -17.43 14.36
CA ASN A 399 -1.75 -18.12 13.10
C ASN A 399 -1.69 -19.62 13.31
N LEU A 400 -0.88 -20.08 14.27
CA LEU A 400 -0.76 -21.51 14.50
C LEU A 400 -1.99 -22.11 15.16
N ALA A 401 -2.85 -21.27 15.75
CA ALA A 401 -4.11 -21.77 16.29
C ALA A 401 -5.14 -21.96 15.19
N PHE A 402 -5.09 -21.15 14.14
CA PHE A 402 -6.11 -21.19 13.10
C PHE A 402 -5.74 -22.07 11.92
N ILE A 403 -4.45 -22.38 11.73
CA ILE A 403 -4.06 -23.21 10.59
C ILE A 403 -4.63 -24.62 10.73
N GLY A 404 -4.86 -25.07 11.96
CA GLY A 404 -5.38 -26.39 12.21
C GLY A 404 -6.75 -26.64 11.60
N PRO A 405 -7.77 -25.96 12.13
CA PRO A 405 -9.14 -26.21 11.64
C PRO A 405 -9.59 -25.34 10.49
N LEU A 406 -8.87 -24.27 10.15
CA LEU A 406 -9.29 -23.34 9.11
C LEU A 406 -8.35 -23.27 7.91
N LYS A 407 -7.09 -23.68 8.06
CA LYS A 407 -6.13 -23.76 6.95
C LYS A 407 -5.94 -22.36 6.38
N HIS A 408 -6.06 -22.16 5.06
CA HIS A 408 -5.77 -20.86 4.47
C HIS A 408 -6.76 -19.80 4.94
N ALA A 409 -8.01 -20.19 5.15
CA ALA A 409 -9.00 -19.25 5.68
C ALA A 409 -8.56 -18.73 7.04
N GLY A 410 -7.89 -19.57 7.83
CA GLY A 410 -7.40 -19.13 9.12
C GLY A 410 -6.32 -18.07 9.01
N LEU A 411 -5.40 -18.25 8.06
CA LEU A 411 -4.33 -17.27 7.87
C LEU A 411 -4.88 -15.92 7.44
N SER A 412 -5.83 -15.92 6.49
CA SER A 412 -6.43 -14.67 6.05
C SER A 412 -7.22 -14.01 7.17
N LEU A 413 -7.98 -14.80 7.93
CA LEU A 413 -8.78 -14.24 9.01
C LEU A 413 -7.89 -13.71 10.13
N SER A 414 -6.80 -14.44 10.44
CA SER A 414 -5.89 -14.00 11.50
C SER A 414 -5.20 -12.69 11.12
N ILE A 415 -4.86 -12.52 9.84
CA ILE A 415 -4.34 -11.23 9.39
C ILE A 415 -5.39 -10.15 9.55
N GLY A 416 -6.66 -10.49 9.27
CA GLY A 416 -7.73 -9.52 9.43
C GLY A 416 -7.90 -9.08 10.88
N LEU A 417 -7.93 -10.05 11.81
CA LEU A 417 -8.02 -9.70 13.22
C LEU A 417 -6.77 -8.99 13.70
N ALA A 418 -5.61 -9.29 13.09
CA ALA A 418 -4.38 -8.63 13.48
C ALA A 418 -4.46 -7.13 13.22
N ALA A 419 -5.00 -6.75 12.07
CA ALA A 419 -5.15 -5.32 11.78
C ALA A 419 -6.23 -4.69 12.66
N CYS A 420 -7.34 -5.41 12.89
CA CYS A 420 -8.41 -4.85 13.70
C CYS A 420 -7.95 -4.59 15.13
N LEU A 421 -7.25 -5.56 15.73
CA LEU A 421 -6.76 -5.37 17.09
C LEU A 421 -5.57 -4.42 17.12
N ASN A 422 -4.81 -4.35 16.02
CA ASN A 422 -3.79 -3.31 15.91
C ASN A 422 -4.43 -1.93 16.00
N ALA A 423 -5.57 -1.75 15.35
CA ALA A 423 -6.28 -0.47 15.42
C ALA A 423 -6.81 -0.20 16.83
N SER A 424 -7.34 -1.22 17.49
CA SER A 424 -7.83 -1.01 18.86
C SER A 424 -6.69 -0.68 19.81
N LEU A 425 -5.51 -1.27 19.58
CA LEU A 425 -4.33 -0.86 20.34
C LEU A 425 -3.96 0.59 20.04
N LEU A 426 -4.08 0.99 18.77
CA LEU A 426 -3.85 2.38 18.40
C LEU A 426 -4.84 3.29 19.12
N TYR A 427 -6.12 2.90 19.16
CA TYR A 427 -7.13 3.71 19.82
C TYR A 427 -6.88 3.79 21.32
N TRP A 428 -6.49 2.66 21.94
CA TRP A 428 -6.27 2.63 23.37
C TRP A 428 -5.12 3.56 23.76
N GLN A 429 -4.02 3.52 23.01
CA GLN A 429 -2.88 4.36 23.33
C GLN A 429 -3.22 5.84 23.17
N LEU A 430 -4.01 6.18 22.17
CA LEU A 430 -4.41 7.57 21.97
C LEU A 430 -5.22 8.09 23.15
N ARG A 431 -6.17 7.28 23.65
CA ARG A 431 -7.02 7.73 24.73
C ARG A 431 -6.29 7.69 26.07
N LYS A 432 -5.41 6.70 26.25
CA LYS A 432 -4.70 6.55 27.52
C LYS A 432 -3.79 7.73 27.79
N GLN A 433 -3.10 8.21 26.77
CA GLN A 433 -2.16 9.33 26.93
C GLN A 433 -2.85 10.68 26.86
N LYS A 434 -4.19 10.71 26.85
CA LYS A 434 -4.96 11.95 26.85
C LYS A 434 -4.57 12.84 25.67
N ILE A 435 -4.74 12.31 24.46
CA ILE A 435 -4.36 12.98 23.22
C ILE A 435 -5.57 13.29 22.36
N PHE A 436 -6.36 12.27 22.04
CA PHE A 436 -7.49 12.40 21.12
C PHE A 436 -8.79 12.29 21.89
N THR A 437 -9.65 13.30 21.74
CA THR A 437 -10.96 13.31 22.39
C THR A 437 -12.04 13.35 21.32
N PRO A 438 -12.74 12.25 21.06
CA PRO A 438 -13.77 12.26 20.01
C PRO A 438 -14.93 13.16 20.38
N GLN A 439 -15.52 13.76 19.35
CA GLN A 439 -16.67 14.63 19.54
C GLN A 439 -17.91 13.81 19.90
N PRO A 440 -18.85 14.39 20.62
CA PRO A 440 -20.07 13.65 20.99
C PRO A 440 -20.92 13.33 19.77
N GLY A 441 -21.69 12.25 19.88
CA GLY A 441 -22.54 11.78 18.82
C GLY A 441 -22.06 10.54 18.08
N TRP A 442 -21.04 9.86 18.60
CA TRP A 442 -20.52 8.67 17.92
C TRP A 442 -21.54 7.55 17.90
N MET A 443 -22.28 7.37 19.00
CA MET A 443 -23.24 6.26 19.08
C MET A 443 -24.31 6.37 18.02
N ALA A 444 -24.84 7.58 17.79
CA ALA A 444 -25.81 7.77 16.73
C ALA A 444 -25.21 7.48 15.35
N PHE A 445 -23.92 7.81 15.18
CA PHE A 445 -23.26 7.58 13.91
C PHE A 445 -23.18 6.09 13.59
N LEU A 446 -22.87 5.26 14.61
CA LEU A 446 -22.76 3.83 14.37
C LEU A 446 -24.10 3.21 14.04
N LEU A 447 -25.14 3.52 14.82
CA LEU A 447 -26.43 2.87 14.62
C LEU A 447 -27.04 3.24 13.27
N ARG A 448 -26.85 4.48 12.83
CA ARG A 448 -27.33 4.86 11.50
C ARG A 448 -26.49 4.23 10.40
N LEU A 449 -25.21 3.96 10.69
CA LEU A 449 -24.35 3.34 9.69
C LEU A 449 -24.71 1.87 9.50
N VAL A 450 -24.92 1.14 10.59
CA VAL A 450 -25.12 -0.31 10.49
C VAL A 450 -26.44 -0.62 9.81
N VAL A 451 -27.49 0.16 10.10
CA VAL A 451 -28.78 -0.09 9.46
C VAL A 451 -28.68 0.14 7.95
N ALA A 452 -27.80 1.06 7.53
CA ALA A 452 -27.53 1.22 6.12
C ALA A 452 -26.80 0.01 5.55
N VAL A 453 -26.04 -0.69 6.39
CA VAL A 453 -25.35 -1.89 5.95
C VAL A 453 -26.35 -3.02 5.70
N LEU A 454 -27.35 -3.16 6.57
CA LEU A 454 -28.42 -4.12 6.30
C LEU A 454 -29.19 -3.74 5.04
N VAL A 455 -29.28 -2.45 4.73
CA VAL A 455 -29.84 -2.02 3.44
C VAL A 455 -28.96 -2.51 2.31
N MET A 456 -27.63 -2.41 2.48
CA MET A 456 -26.70 -2.92 1.49
C MET A 456 -26.86 -4.41 1.29
N SER A 457 -26.94 -5.17 2.38
CA SER A 457 -27.03 -6.62 2.26
C SER A 457 -28.38 -7.04 1.68
N GLY A 458 -29.47 -6.46 2.19
CA GLY A 458 -30.79 -6.83 1.70
C GLY A 458 -30.94 -6.59 0.21
N VAL A 459 -30.39 -5.47 -0.27
CA VAL A 459 -30.42 -5.18 -1.70
C VAL A 459 -29.52 -6.13 -2.46
N LEU A 460 -28.33 -6.41 -1.92
CA LEU A 460 -27.33 -7.15 -2.67
C LEU A 460 -27.68 -8.62 -2.82
N LEU A 461 -28.10 -9.27 -1.73
CA LEU A 461 -28.52 -10.66 -1.83
C LEU A 461 -29.81 -10.79 -2.64
N GLY A 462 -30.69 -9.79 -2.53
CA GLY A 462 -31.88 -9.79 -3.36
C GLY A 462 -31.55 -9.69 -4.84
N MET A 463 -30.56 -8.85 -5.17
CA MET A 463 -30.13 -8.72 -6.56
C MET A 463 -29.36 -9.95 -7.02
N LEU A 464 -28.64 -10.60 -6.10
CA LEU A 464 -27.86 -11.78 -6.47
C LEU A 464 -28.77 -12.91 -6.91
N HIS A 465 -29.84 -13.18 -6.16
CA HIS A 465 -30.73 -14.29 -6.50
C HIS A 465 -31.54 -14.00 -7.77
N ILE A 466 -31.78 -12.74 -8.09
CA ILE A 466 -32.33 -12.40 -9.40
C ILE A 466 -31.29 -12.65 -10.50
N MET A 467 -30.04 -12.31 -10.22
CA MET A 467 -28.96 -12.44 -11.19
C MET A 467 -28.68 -13.91 -11.44
N PRO A 468 -28.81 -14.41 -12.68
CA PRO A 468 -28.55 -15.83 -12.93
C PRO A 468 -27.09 -16.21 -12.74
N GLU A 469 -26.76 -17.47 -13.04
CA GLU A 469 -25.43 -17.99 -12.77
C GLU A 469 -24.35 -17.14 -13.42
N TRP A 470 -23.32 -16.79 -12.64
CA TRP A 470 -22.27 -15.90 -13.12
C TRP A 470 -21.34 -16.58 -14.13
N SER A 471 -21.25 -17.92 -14.09
CA SER A 471 -20.38 -18.61 -15.03
C SER A 471 -20.82 -18.43 -16.48
N LEU A 472 -22.10 -18.14 -16.70
CA LEU A 472 -22.58 -17.90 -18.06
C LEU A 472 -21.99 -16.62 -18.63
N GLY A 473 -21.61 -16.68 -19.90
CA GLY A 473 -21.09 -15.52 -20.60
C GLY A 473 -19.58 -15.54 -20.73
N THR A 474 -19.08 -14.51 -21.38
CA THR A 474 -17.67 -14.32 -21.66
C THR A 474 -17.15 -13.13 -20.84
N MET A 475 -15.89 -12.74 -21.07
CA MET A 475 -15.24 -11.66 -20.34
C MET A 475 -16.12 -10.41 -20.26
N PRO A 476 -16.47 -9.75 -21.38
CA PRO A 476 -17.19 -8.47 -21.26
C PRO A 476 -18.53 -8.61 -20.55
N TRP A 477 -19.24 -9.72 -20.74
CA TRP A 477 -20.56 -9.87 -20.13
C TRP A 477 -20.44 -10.07 -18.62
N ARG A 478 -19.48 -10.88 -18.18
CA ARG A 478 -19.32 -11.13 -16.76
C ARG A 478 -18.90 -9.86 -16.02
N LEU A 479 -17.96 -9.10 -16.58
CA LEU A 479 -17.53 -7.89 -15.91
C LEU A 479 -18.64 -6.84 -15.94
N LEU A 480 -19.38 -6.73 -17.04
CA LEU A 480 -20.41 -5.69 -17.15
C LEU A 480 -21.45 -5.85 -16.05
N ARG A 481 -21.87 -7.09 -15.78
CA ARG A 481 -22.81 -7.32 -14.69
C ARG A 481 -22.19 -7.07 -13.33
N LEU A 482 -20.86 -7.00 -13.26
CA LEU A 482 -20.19 -6.89 -11.97
C LEU A 482 -20.34 -5.49 -11.39
N MET A 483 -19.92 -4.45 -12.12
CA MET A 483 -20.14 -3.13 -11.56
C MET A 483 -21.62 -2.76 -11.59
N ALA A 484 -22.39 -3.39 -12.47
CA ALA A 484 -23.81 -3.06 -12.60
C ALA A 484 -24.55 -3.28 -11.29
N VAL A 485 -24.29 -4.42 -10.64
CA VAL A 485 -24.93 -4.69 -9.36
C VAL A 485 -24.37 -3.79 -8.27
N VAL A 486 -23.06 -3.54 -8.28
CA VAL A 486 -22.47 -2.78 -7.18
C VAL A 486 -22.82 -1.30 -7.27
N LEU A 487 -22.98 -0.76 -8.48
CA LEU A 487 -23.35 0.65 -8.59
C LEU A 487 -24.77 0.86 -8.08
N ALA A 488 -25.67 -0.07 -8.39
CA ALA A 488 -27.02 0.01 -7.84
C ALA A 488 -27.01 -0.23 -6.33
N GLY A 489 -26.12 -1.10 -5.85
CA GLY A 489 -26.02 -1.32 -4.43
C GLY A 489 -25.51 -0.11 -3.67
N ILE A 490 -24.46 0.53 -4.17
CA ILE A 490 -23.93 1.71 -3.51
C ILE A 490 -24.88 2.90 -3.68
N ALA A 491 -25.60 2.96 -4.80
CA ALA A 491 -26.63 3.98 -4.96
C ALA A 491 -27.74 3.79 -3.93
N ALA A 492 -28.13 2.55 -3.69
CA ALA A 492 -29.08 2.27 -2.62
C ALA A 492 -28.49 2.62 -1.25
N TYR A 493 -27.20 2.37 -1.07
CA TYR A 493 -26.53 2.71 0.18
C TYR A 493 -26.55 4.21 0.42
N PHE A 494 -26.17 4.99 -0.60
CA PHE A 494 -26.16 6.45 -0.44
C PHE A 494 -27.58 7.00 -0.35
N ALA A 495 -28.55 6.36 -1.00
CA ALA A 495 -29.94 6.75 -0.83
C ALA A 495 -30.40 6.50 0.60
N ALA A 496 -29.99 5.38 1.18
CA ALA A 496 -30.30 5.10 2.58
C ALA A 496 -29.65 6.14 3.49
N LEU A 497 -28.41 6.53 3.18
CA LEU A 497 -27.75 7.57 3.96
C LEU A 497 -28.49 8.90 3.84
N ALA A 498 -28.94 9.24 2.63
CA ALA A 498 -29.62 10.52 2.42
C ALA A 498 -30.93 10.60 3.19
N VAL A 499 -31.72 9.53 3.17
CA VAL A 499 -32.99 9.52 3.90
C VAL A 499 -32.80 9.36 5.39
N LEU A 500 -31.59 9.07 5.85
CA LEU A 500 -31.29 8.88 7.26
C LEU A 500 -30.81 10.17 7.93
N GLY A 501 -30.89 11.30 7.24
CA GLY A 501 -30.43 12.56 7.79
C GLY A 501 -28.95 12.83 7.61
N PHE A 502 -28.25 12.04 6.79
CA PHE A 502 -26.84 12.21 6.55
C PHE A 502 -26.63 13.05 5.29
N LYS A 503 -25.75 14.05 5.40
CA LYS A 503 -25.48 14.97 4.30
C LYS A 503 -23.97 15.11 4.13
N VAL A 504 -23.58 15.51 2.92
CA VAL A 504 -22.16 15.73 2.62
C VAL A 504 -21.61 16.88 3.45
N LYS A 505 -22.43 17.90 3.71
CA LYS A 505 -21.96 19.05 4.46
C LYS A 505 -21.49 18.69 5.86
N GLU A 506 -22.05 17.62 6.45
CA GLU A 506 -21.61 17.19 7.76
C GLU A 506 -20.17 16.67 7.75
N PHE A 507 -19.68 16.19 6.60
CA PHE A 507 -18.32 15.69 6.47
C PHE A 507 -17.41 16.68 5.77
N ALA A 508 -17.84 17.94 5.61
CA ALA A 508 -17.04 18.95 4.94
C ALA A 508 -16.08 19.58 5.95
N ARG A 509 -14.79 19.58 5.62
CA ARG A 509 -13.76 20.18 6.45
C ARG A 509 -12.98 21.19 5.63
N ARG A 510 -12.51 22.24 6.30
CA ARG A 510 -11.75 23.31 5.66
C ARG A 510 -10.27 23.19 6.02
N THR A 511 -9.46 23.93 5.28
CA THR A 511 -8.00 23.96 5.46
C THR A 511 -7.38 22.58 5.38
N MET B 1 25.44 5.29 13.82
CA MET B 1 26.28 4.10 13.72
C MET B 1 25.34 2.89 13.70
N LYS B 2 24.50 2.78 14.72
CA LYS B 2 23.51 1.72 14.78
C LYS B 2 22.45 1.86 13.68
N TYR B 3 22.28 3.06 13.12
CA TYR B 3 21.27 3.26 12.09
C TYR B 3 21.57 2.43 10.85
N ILE B 4 22.85 2.31 10.49
CA ILE B 4 23.22 1.64 9.25
C ILE B 4 22.81 0.18 9.28
N ILE B 5 23.04 -0.51 10.40
CA ILE B 5 22.67 -1.92 10.50
C ILE B 5 21.16 -2.09 10.39
N ASN B 6 20.40 -1.16 10.99
CA ASN B 6 18.94 -1.22 10.87
C ASN B 6 18.51 -1.04 9.42
N LEU B 7 19.12 -0.11 8.71
CA LEU B 7 18.76 0.11 7.30
C LEU B 7 19.11 -1.11 6.47
N ALA B 8 20.30 -1.69 6.71
CA ALA B 8 20.72 -2.86 5.94
C ALA B 8 19.85 -4.07 6.25
N PHE B 9 19.46 -4.24 7.51
CA PHE B 9 18.63 -5.39 7.89
C PHE B 9 17.28 -5.34 7.19
N CYS B 10 16.65 -4.17 7.16
CA CYS B 10 15.34 -4.06 6.54
C CYS B 10 15.43 -4.11 5.01
N VAL B 11 16.52 -3.57 4.45
CA VAL B 11 16.74 -3.71 3.01
C VAL B 11 16.86 -5.18 2.64
N LEU B 12 17.59 -5.96 3.45
CA LEU B 12 17.68 -7.40 3.23
C LEU B 12 16.30 -8.04 3.33
N LEU B 13 15.48 -7.57 4.26
CA LEU B 13 14.15 -8.14 4.43
C LEU B 13 13.28 -7.92 3.20
N LEU B 14 13.29 -6.71 2.64
CA LEU B 14 12.49 -6.44 1.46
C LEU B 14 13.05 -7.15 0.23
N VAL B 15 14.36 -7.04 0.00
CA VAL B 15 14.97 -7.57 -1.22
C VAL B 15 14.84 -9.09 -1.24
N ALA B 16 15.13 -9.74 -0.12
CA ALA B 16 15.19 -11.19 -0.05
C ALA B 16 13.99 -11.80 0.66
N GLY B 17 12.86 -11.09 0.70
CA GLY B 17 11.72 -11.55 1.49
C GLY B 17 11.26 -12.94 1.10
N ASP B 18 11.21 -13.21 -0.21
CA ASP B 18 10.79 -14.53 -0.66
C ASP B 18 11.85 -15.58 -0.33
N SER B 19 13.13 -15.21 -0.46
CA SER B 19 14.18 -16.21 -0.33
C SER B 19 14.43 -16.60 1.13
N ILE B 20 14.34 -15.65 2.06
CA ILE B 20 14.46 -16.01 3.47
C ILE B 20 13.26 -16.86 3.90
N ALA B 21 12.07 -16.51 3.44
CA ALA B 21 10.90 -17.33 3.73
C ALA B 21 11.06 -18.74 3.17
N TYR B 22 11.61 -18.84 1.95
CA TYR B 22 11.87 -20.15 1.37
C TYR B 22 12.98 -20.88 2.12
N ARG B 23 14.03 -20.15 2.51
CA ARG B 23 15.17 -20.81 3.15
C ARG B 23 14.76 -21.49 4.44
N VAL B 24 13.92 -20.83 5.24
CA VAL B 24 13.55 -21.40 6.53
C VAL B 24 12.37 -22.35 6.40
N SER B 25 11.66 -22.32 5.27
CA SER B 25 10.47 -23.15 5.15
C SER B 25 10.82 -24.63 5.17
N GLN B 26 11.86 -25.04 4.43
CA GLN B 26 12.34 -26.41 4.53
C GLN B 26 13.44 -26.59 5.57
N TYR B 27 13.92 -25.49 6.16
CA TYR B 27 14.85 -25.62 7.27
C TYR B 27 14.15 -26.14 8.52
N LEU B 28 12.99 -25.57 8.84
CA LEU B 28 12.18 -26.03 9.96
C LEU B 28 11.09 -26.99 9.53
N ALA B 29 11.03 -27.35 8.25
CA ALA B 29 10.10 -28.39 7.81
C ALA B 29 10.34 -29.72 8.52
N PRO B 30 11.58 -30.22 8.65
CA PRO B 30 11.76 -31.43 9.47
C PRO B 30 11.41 -31.22 10.93
N LEU B 31 11.43 -29.98 11.41
CA LEU B 31 11.09 -29.70 12.80
C LEU B 31 9.59 -29.76 13.02
N VAL B 32 8.80 -29.38 12.01
CA VAL B 32 7.37 -29.19 12.23
C VAL B 32 6.60 -30.48 12.00
N ASP B 33 7.00 -31.29 11.02
CA ASP B 33 6.29 -32.54 10.78
C ASP B 33 6.54 -33.56 11.88
N THR B 34 7.63 -33.41 12.63
CA THR B 34 7.83 -34.19 13.84
C THR B 34 7.05 -33.64 15.02
N PHE B 35 6.59 -32.39 14.93
CA PHE B 35 5.78 -31.79 15.98
C PHE B 35 4.30 -32.15 15.84
N THR B 36 3.89 -32.66 14.68
CA THR B 36 2.47 -32.84 14.41
C THR B 36 1.82 -33.84 15.37
N LYS B 37 2.48 -34.97 15.62
CA LYS B 37 1.90 -35.96 16.51
C LYS B 37 2.24 -35.72 17.97
N HIS B 38 3.03 -34.70 18.28
CA HIS B 38 3.29 -34.33 19.67
C HIS B 38 2.42 -33.13 20.08
#